data_9HE3
#
_entry.id   9HE3
#
_cell.length_a   47.09
_cell.length_b   57.581
_cell.length_c   62.587
_cell.angle_alpha   107.651
_cell.angle_beta   93.143
_cell.angle_gamma   90.151
#
_symmetry.space_group_name_H-M   'P 1'
#
loop_
_entity.id
_entity.type
_entity.pdbx_description
1 polymer 'Tryptophan 5-hydroxylase 1'
2 non-polymer 'FE (III) ION'
3 non-polymer Telotristat
4 water water
#
_entity_poly.entity_id   1
_entity_poly.type   'polypeptide(L)'
_entity_poly.pdbx_seq_one_letter_code
;MKHHHHHHHGAAGTSLYKKAGENLYFQGSVPWFPKKISDLDHCANRVLMYGSELDADHPGFKDNVYRKRRKYFADLAMNY
KHGDPIPKVEFTEEEIKTWGTVFQELNKLYPTHACREYLKNLPLLSKYCGYREDNIPQLEDVSNFLKERTGFSIRPVAGY
LSPRDFLSGLAFRVFHCTQYVRHSSDPFYTPEPDTCHELLGHVPLLAEPSFAQFSQEIGLASLGASEEAVQKLATCYFFT
VEFGLCKQDGQLRVFGAGLLSSISELKHALSGHAKVKPFDPKITCKQECLITTFQDVYFVSESFEDAKEKMREFTKTIKR
PFGVKY
;
_entity_poly.pdbx_strand_id   A,B
#
loop_
_chem_comp.id
_chem_comp.type
_chem_comp.name
_chem_comp.formula
A1IT9 non-polymer Telotristat 'C25 H22 Cl F3 N6 O3'
FE non-polymer 'FE (III) ION' 'Fe 3'
#
# COMPACT_ATOMS: atom_id res chain seq x y z
N SER A 29 3.71 17.55 -17.32
CA SER A 29 4.63 16.94 -16.37
C SER A 29 3.99 16.77 -15.00
N VAL A 30 4.59 15.93 -14.17
CA VAL A 30 4.05 15.65 -12.85
C VAL A 30 4.51 16.67 -11.81
N PRO A 31 3.56 17.23 -11.04
CA PRO A 31 3.90 18.14 -9.94
C PRO A 31 4.57 17.39 -8.78
N TRP A 32 5.35 18.09 -7.97
CA TRP A 32 6.05 17.48 -6.85
C TRP A 32 5.08 16.84 -5.86
N PHE A 33 5.46 15.67 -5.36
CA PHE A 33 4.72 15.01 -4.29
C PHE A 33 5.68 14.27 -3.38
N PRO A 34 5.33 14.10 -2.10
CA PRO A 34 6.22 13.40 -1.16
C PRO A 34 6.45 11.94 -1.54
N LYS A 35 7.68 11.47 -1.35
CA LYS A 35 8.03 10.10 -1.69
C LYS A 35 8.27 9.30 -0.42
N LYS A 36 8.39 10.01 0.69
CA LYS A 36 8.55 9.40 2.00
C LYS A 36 7.90 10.28 3.07
N ILE A 37 7.72 9.73 4.27
CA ILE A 37 6.98 10.41 5.32
C ILE A 37 7.64 11.73 5.75
N SER A 38 8.96 11.79 5.66
CA SER A 38 9.71 12.97 6.08
C SER A 38 9.61 14.11 5.07
N ASP A 39 9.22 13.79 3.84
CA ASP A 39 9.09 14.78 2.78
C ASP A 39 7.96 15.78 3.05
N LEU A 40 7.08 15.44 3.98
CA LEU A 40 5.94 16.29 4.33
C LEU A 40 6.36 17.60 4.98
N ASP A 41 7.63 17.71 5.36
CA ASP A 41 8.19 18.95 5.88
C ASP A 41 8.08 20.09 4.87
N HIS A 42 8.11 19.74 3.59
CA HIS A 42 8.17 20.72 2.51
C HIS A 42 6.80 21.19 2.03
N CYS A 43 5.73 20.66 2.61
CA CYS A 43 4.38 21.06 2.21
C CYS A 43 3.48 21.46 3.38
N ALA A 44 3.89 21.14 4.60
CA ALA A 44 3.06 21.34 5.79
C ALA A 44 2.91 22.80 6.20
N ASN A 45 3.71 23.69 5.62
CA ASN A 45 3.73 25.10 6.04
C ASN A 45 2.92 26.06 5.16
N ARG A 46 1.95 25.53 4.42
CA ARG A 46 1.13 26.38 3.57
C ARG A 46 0.06 27.13 4.38
N VAL A 47 -0.52 28.16 3.78
CA VAL A 47 -1.53 28.97 4.45
C VAL A 47 -2.73 29.23 3.55
N ASP A 63 -10.28 40.36 19.15
CA ASP A 63 -9.88 39.79 20.43
C ASP A 63 -8.35 39.71 20.50
N ASN A 64 -7.76 40.51 21.38
CA ASN A 64 -6.30 40.63 21.46
C ASN A 64 -5.58 39.42 22.03
N VAL A 65 -6.08 38.89 23.14
CA VAL A 65 -5.45 37.75 23.78
C VAL A 65 -5.58 36.47 22.97
N TYR A 66 -6.70 36.32 22.27
CA TYR A 66 -6.93 35.16 21.41
C TYR A 66 -6.00 35.14 20.20
N ARG A 67 -5.75 36.31 19.60
CA ARG A 67 -4.89 36.39 18.43
C ARG A 67 -3.46 35.97 18.71
N LYS A 68 -2.93 36.39 19.85
CA LYS A 68 -1.58 36.02 20.25
C LYS A 68 -1.52 34.53 20.57
N ARG A 69 -2.60 34.03 21.14
CA ARG A 69 -2.74 32.60 21.42
C ARG A 69 -2.74 31.79 20.14
N ARG A 70 -3.47 32.28 19.12
CA ARG A 70 -3.54 31.62 17.83
C ARG A 70 -2.21 31.63 17.10
N LYS A 71 -1.51 32.77 17.18
CA LYS A 71 -0.19 32.89 16.58
C LYS A 71 0.79 31.93 17.25
N TYR A 72 0.63 31.76 18.56
CA TYR A 72 1.45 30.84 19.33
C TYR A 72 1.35 29.41 18.81
N PHE A 73 0.12 28.95 18.59
CA PHE A 73 -0.11 27.61 18.07
C PHE A 73 0.42 27.47 16.65
N ALA A 74 0.26 28.52 15.85
CA ALA A 74 0.75 28.54 14.47
C ALA A 74 2.27 28.43 14.44
N ASP A 75 2.93 29.10 15.38
CA ASP A 75 4.38 29.07 15.46
C ASP A 75 4.89 27.67 15.79
N LEU A 76 4.18 26.97 16.67
CA LEU A 76 4.56 25.61 17.06
C LEU A 76 4.51 24.67 15.87
N ALA A 77 3.46 24.79 15.07
CA ALA A 77 3.27 23.92 13.92
C ALA A 77 4.26 24.23 12.81
N MET A 78 4.54 25.51 12.62
CA MET A 78 5.43 25.98 11.57
C MET A 78 6.85 25.45 11.75
N ASN A 79 7.32 25.44 13.01
CA ASN A 79 8.67 25.03 13.33
C ASN A 79 8.80 23.52 13.55
N TYR A 80 7.68 22.81 13.41
CA TYR A 80 7.70 21.36 13.60
C TYR A 80 8.31 20.65 12.40
N LYS A 81 9.18 19.68 12.69
CA LYS A 81 9.81 18.87 11.67
C LYS A 81 9.52 17.39 11.95
N HIS A 82 9.44 16.58 10.90
CA HIS A 82 9.19 15.16 11.05
C HIS A 82 10.20 14.49 11.96
N GLY A 83 9.71 13.68 12.90
CA GLY A 83 10.57 13.01 13.85
C GLY A 83 10.50 13.66 15.22
N ASP A 84 10.21 14.96 15.23
CA ASP A 84 10.04 15.69 16.48
C ASP A 84 8.84 15.18 17.24
N PRO A 85 8.93 15.12 18.57
CA PRO A 85 7.72 14.90 19.34
C PRO A 85 6.81 16.12 19.22
N ILE A 86 5.51 15.90 19.08
CA ILE A 86 4.58 17.03 18.97
C ILE A 86 4.57 17.78 20.29
N PRO A 87 4.91 19.07 20.26
CA PRO A 87 5.06 19.90 21.47
C PRO A 87 3.83 19.83 22.38
N LYS A 88 4.05 19.53 23.65
CA LYS A 88 2.96 19.46 24.61
C LYS A 88 2.53 20.86 24.99
N VAL A 89 1.23 21.07 25.09
CA VAL A 89 0.70 22.40 25.32
C VAL A 89 -0.14 22.45 26.59
N GLU A 90 0.11 23.46 27.43
CA GLU A 90 -0.74 23.71 28.59
C GLU A 90 -1.90 24.58 28.16
N PHE A 91 -3.07 23.98 28.02
CA PHE A 91 -4.25 24.73 27.60
C PHE A 91 -4.80 25.56 28.75
N THR A 92 -5.35 26.73 28.41
CA THR A 92 -5.93 27.61 29.43
C THR A 92 -7.30 27.09 29.85
N GLU A 93 -7.78 27.57 30.99
CA GLU A 93 -9.06 27.11 31.54
C GLU A 93 -10.20 27.39 30.58
N GLU A 94 -10.19 28.57 29.96
CA GLU A 94 -11.21 28.94 28.98
C GLU A 94 -11.22 27.93 27.82
N GLU A 95 -10.03 27.55 27.38
CA GLU A 95 -9.89 26.54 26.34
C GLU A 95 -10.37 25.19 26.82
N ILE A 96 -9.99 24.83 28.04
CA ILE A 96 -10.41 23.55 28.62
C ILE A 96 -11.93 23.54 28.86
N LYS A 97 -12.47 24.66 29.33
CA LYS A 97 -13.91 24.78 29.52
C LYS A 97 -14.65 24.69 28.19
N THR A 98 -14.05 25.25 27.14
CA THR A 98 -14.63 25.17 25.80
C THR A 98 -14.65 23.73 25.32
N TRP A 99 -13.50 23.06 25.43
CA TRP A 99 -13.42 21.64 25.11
C TRP A 99 -14.43 20.86 25.94
N GLY A 100 -14.46 21.15 27.24
CA GLY A 100 -15.35 20.47 28.16
C GLY A 100 -16.81 20.61 27.78
N THR A 101 -17.20 21.79 27.30
CA THR A 101 -18.58 22.03 26.88
C THR A 101 -18.93 21.19 25.65
N VAL A 102 -18.11 21.31 24.60
CA VAL A 102 -18.30 20.56 23.37
C VAL A 102 -18.29 19.05 23.63
N PHE A 103 -17.27 18.60 24.34
CA PHE A 103 -17.09 17.18 24.66
C PHE A 103 -18.28 16.61 25.43
N GLN A 104 -18.70 17.32 26.46
CA GLN A 104 -19.83 16.91 27.29
C GLN A 104 -21.12 16.77 26.49
N GLU A 105 -21.40 17.77 25.66
CA GLU A 105 -22.66 17.79 24.89
C GLU A 105 -22.66 16.78 23.75
N LEU A 106 -21.53 16.64 23.06
CA LEU A 106 -21.42 15.69 21.96
C LEU A 106 -21.59 14.25 22.44
N ASN A 107 -21.09 13.96 23.63
CA ASN A 107 -21.19 12.62 24.19
C ASN A 107 -22.64 12.24 24.50
N LYS A 108 -23.48 13.24 24.64
CA LYS A 108 -24.92 13.01 24.80
C LYS A 108 -25.54 12.56 23.48
N LEU A 109 -24.92 12.96 22.37
CA LEU A 109 -25.48 12.70 21.04
C LEU A 109 -24.89 11.46 20.38
N TYR A 110 -23.63 11.16 20.68
CA TYR A 110 -22.91 10.06 20.03
C TYR A 110 -23.60 8.68 20.06
N PRO A 111 -24.16 8.27 21.21
CA PRO A 111 -24.80 6.94 21.22
C PRO A 111 -25.94 6.78 20.20
N THR A 112 -26.66 7.86 19.93
CA THR A 112 -27.78 7.79 19.01
C THR A 112 -27.45 8.29 17.60
N HIS A 113 -26.28 8.89 17.44
CA HIS A 113 -25.91 9.51 16.16
C HIS A 113 -24.68 8.88 15.51
N ALA A 114 -23.66 8.60 16.31
CA ALA A 114 -22.38 8.12 15.78
C ALA A 114 -22.45 6.67 15.33
N CYS A 115 -21.62 6.32 14.36
CA CYS A 115 -21.53 4.95 13.87
C CYS A 115 -20.94 4.03 14.93
N ARG A 116 -21.11 2.72 14.75
CA ARG A 116 -20.66 1.74 15.75
C ARG A 116 -19.14 1.80 15.96
N GLU A 117 -18.39 2.02 14.89
CA GLU A 117 -16.93 2.06 14.98
C GLU A 117 -16.47 3.24 15.82
N TYR A 118 -17.14 4.38 15.69
CA TYR A 118 -16.83 5.56 16.48
C TYR A 118 -17.04 5.28 17.96
N LEU A 119 -18.20 4.69 18.27
CA LEU A 119 -18.57 4.36 19.64
C LEU A 119 -17.68 3.26 20.20
N LYS A 120 -17.09 2.48 19.32
CA LYS A 120 -16.19 1.40 19.72
C LYS A 120 -14.84 1.94 20.21
N ASN A 121 -14.29 2.89 19.47
CA ASN A 121 -12.93 3.37 19.72
C ASN A 121 -12.85 4.56 20.67
N LEU A 122 -13.95 5.31 20.78
CA LEU A 122 -13.98 6.47 21.66
C LEU A 122 -13.64 6.16 23.13
N PRO A 123 -14.17 5.05 23.68
CA PRO A 123 -13.74 4.76 25.06
C PRO A 123 -12.27 4.40 25.17
N LEU A 124 -11.70 3.84 24.10
CA LEU A 124 -10.27 3.51 24.08
C LEU A 124 -9.43 4.77 24.22
N LEU A 125 -9.90 5.86 23.63
CA LEU A 125 -9.20 7.14 23.69
C LEU A 125 -9.25 7.76 25.09
N SER A 126 -10.36 7.55 25.79
CA SER A 126 -10.52 8.11 27.13
C SER A 126 -9.75 7.31 28.17
N LYS A 127 -9.39 6.08 27.80
CA LYS A 127 -8.69 5.20 28.73
C LYS A 127 -7.17 5.27 28.51
N TYR A 128 -6.75 5.77 27.35
CA TYR A 128 -5.33 5.80 27.04
C TYR A 128 -4.80 7.19 26.66
N CYS A 129 -5.68 8.09 26.25
CA CYS A 129 -5.23 9.40 25.77
C CYS A 129 -5.78 10.57 26.57
N GLY A 130 -6.48 10.28 27.67
CA GLY A 130 -6.93 11.32 28.57
C GLY A 130 -8.07 12.18 28.06
N TYR A 131 -8.99 11.57 27.32
CA TYR A 131 -10.19 12.27 26.87
C TYR A 131 -11.14 12.51 28.04
N ARG A 132 -11.18 13.75 28.52
CA ARG A 132 -12.03 14.12 29.65
C ARG A 132 -12.62 15.51 29.47
N GLU A 133 -13.63 15.83 30.27
CA GLU A 133 -14.23 17.15 30.26
C GLU A 133 -13.25 18.20 30.78
N ASP A 134 -12.40 17.80 31.72
CA ASP A 134 -11.47 18.72 32.36
C ASP A 134 -10.06 18.63 31.79
N ASN A 135 -9.89 17.89 30.70
CA ASN A 135 -8.57 17.70 30.10
C ASN A 135 -8.59 17.61 28.58
N ILE A 136 -7.84 18.49 27.94
CA ILE A 136 -7.65 18.42 26.49
C ILE A 136 -6.48 17.49 26.17
N PRO A 137 -6.75 16.42 25.41
CA PRO A 137 -5.73 15.45 25.01
C PRO A 137 -4.60 16.09 24.21
N GLN A 138 -3.38 15.60 24.40
CA GLN A 138 -2.23 16.10 23.66
C GLN A 138 -2.12 15.40 22.32
N LEU A 139 -1.79 16.16 21.28
CA LEU A 139 -1.64 15.59 19.94
C LEU A 139 -0.59 14.50 19.89
N GLU A 140 0.47 14.64 20.70
CA GLU A 140 1.54 13.65 20.75
C GLU A 140 1.04 12.30 21.26
N ASP A 141 0.23 12.33 22.32
CA ASP A 141 -0.27 11.12 22.95
C ASP A 141 -1.20 10.33 22.03
N VAL A 142 -2.17 11.03 21.42
CA VAL A 142 -3.09 10.38 20.50
C VAL A 142 -2.36 9.88 19.25
N SER A 143 -1.34 10.63 18.83
CA SER A 143 -0.52 10.22 17.69
C SER A 143 0.17 8.90 17.98
N ASN A 144 0.70 8.76 19.19
CA ASN A 144 1.34 7.52 19.61
C ASN A 144 0.34 6.38 19.66
N PHE A 145 -0.88 6.70 20.08
CA PHE A 145 -1.97 5.74 20.13
C PHE A 145 -2.31 5.22 18.74
N LEU A 146 -2.45 6.15 17.80
CA LEU A 146 -2.79 5.80 16.42
C LEU A 146 -1.71 4.93 15.78
N LYS A 147 -0.45 5.18 16.15
CA LYS A 147 0.67 4.42 15.63
C LYS A 147 0.53 2.93 15.99
N GLU A 148 0.15 2.66 17.23
CA GLU A 148 -0.04 1.28 17.67
C GLU A 148 -1.26 0.66 17.01
N ARG A 149 -2.31 1.45 16.85
CA ARG A 149 -3.58 0.95 16.35
C ARG A 149 -3.62 0.76 14.83
N THR A 150 -3.32 1.81 14.08
CA THR A 150 -3.47 1.78 12.63
C THR A 150 -2.25 2.29 11.88
N GLY A 151 -1.20 2.63 12.62
CA GLY A 151 0.02 3.13 12.00
C GLY A 151 -0.11 4.58 11.56
N PHE A 152 -1.28 5.16 11.79
CA PHE A 152 -1.46 6.59 11.53
C PHE A 152 -0.68 7.44 12.53
N SER A 153 -0.33 8.64 12.12
CA SER A 153 0.35 9.58 12.98
C SER A 153 -0.19 10.99 12.77
N ILE A 154 0.11 11.88 13.71
CA ILE A 154 -0.37 13.25 13.64
C ILE A 154 0.78 14.21 13.42
N ARG A 155 0.50 15.27 12.65
CA ARG A 155 1.44 16.34 12.39
C ARG A 155 0.73 17.66 12.66
N PRO A 156 1.31 18.47 13.56
CA PRO A 156 0.63 19.73 13.89
C PRO A 156 0.69 20.71 12.73
N VAL A 157 -0.44 21.31 12.37
CA VAL A 157 -0.50 22.21 11.24
C VAL A 157 -1.12 23.54 11.66
N ALA A 158 -0.63 24.63 11.08
CA ALA A 158 -1.04 25.97 11.46
C ALA A 158 -2.48 26.27 11.04
N GLY A 159 -2.84 25.80 9.85
CA GLY A 159 -4.17 26.04 9.32
C GLY A 159 -4.45 25.17 8.11
N TYR A 160 -5.26 25.68 7.19
CA TYR A 160 -5.60 24.94 5.98
C TYR A 160 -4.39 24.71 5.08
N LEU A 161 -4.25 23.48 4.61
CA LEU A 161 -3.31 23.16 3.56
C LEU A 161 -4.10 22.95 2.27
N SER A 162 -3.43 23.04 1.13
CA SER A 162 -4.07 22.70 -0.13
C SER A 162 -4.53 21.25 -0.06
N PRO A 163 -5.61 20.92 -0.77
CA PRO A 163 -6.11 19.53 -0.76
C PRO A 163 -5.04 18.54 -1.20
N ARG A 164 -4.22 18.93 -2.17
CA ARG A 164 -3.12 18.07 -2.62
C ARG A 164 -2.14 17.77 -1.51
N ASP A 165 -1.68 18.80 -0.82
CA ASP A 165 -0.72 18.64 0.27
C ASP A 165 -1.32 17.84 1.42
N PHE A 166 -2.57 18.13 1.75
CA PHE A 166 -3.27 17.44 2.83
C PHE A 166 -3.47 15.95 2.52
N LEU A 167 -3.98 15.66 1.33
CA LEU A 167 -4.19 14.27 0.92
C LEU A 167 -2.86 13.53 0.79
N SER A 168 -1.81 14.24 0.41
CA SER A 168 -0.48 13.65 0.29
C SER A 168 -0.02 13.10 1.64
N GLY A 169 -0.41 13.77 2.71
CA GLY A 169 -0.11 13.32 4.06
C GLY A 169 -0.78 11.99 4.37
N LEU A 170 -2.03 11.86 3.93
CA LEU A 170 -2.81 10.64 4.16
C LEU A 170 -2.16 9.43 3.49
N ALA A 171 -1.47 9.67 2.39
CA ALA A 171 -0.79 8.61 1.65
C ALA A 171 0.24 7.89 2.52
N PHE A 172 0.77 8.61 3.49
CA PHE A 172 1.75 8.04 4.41
C PHE A 172 1.12 7.89 5.80
N ARG A 173 -0.21 7.85 5.82
CA ARG A 173 -0.99 7.74 7.05
C ARG A 173 -0.60 8.81 8.06
N VAL A 174 -0.47 10.04 7.59
CA VAL A 174 -0.22 11.19 8.45
C VAL A 174 -1.41 12.14 8.38
N PHE A 175 -1.98 12.49 9.53
CA PHE A 175 -3.08 13.43 9.55
C PHE A 175 -2.65 14.77 10.12
N HIS A 176 -2.76 15.82 9.31
CA HIS A 176 -2.42 17.17 9.74
C HIS A 176 -3.50 17.72 10.66
N CYS A 177 -3.12 18.05 11.89
CA CYS A 177 -4.08 18.49 12.90
C CYS A 177 -3.80 19.90 13.40
N THR A 178 -4.86 20.67 13.58
CA THR A 178 -4.75 21.96 14.26
C THR A 178 -4.65 21.71 15.75
N GLN A 179 -3.98 22.62 16.45
CA GLN A 179 -3.64 22.39 17.86
C GLN A 179 -4.37 23.37 18.77
N TYR A 180 -4.94 24.43 18.18
CA TYR A 180 -5.65 25.43 18.95
C TYR A 180 -7.10 25.02 19.24
N VAL A 181 -7.73 25.71 20.18
CA VAL A 181 -9.11 25.44 20.53
C VAL A 181 -10.00 26.55 19.96
N ARG A 182 -11.23 26.21 19.61
CA ARG A 182 -12.15 27.18 19.03
C ARG A 182 -12.48 28.29 20.02
N HIS A 183 -12.90 29.44 19.49
CA HIS A 183 -13.25 30.57 20.34
C HIS A 183 -14.46 30.24 21.21
N SER A 184 -14.45 30.74 22.45
CA SER A 184 -15.48 30.42 23.43
C SER A 184 -16.87 30.90 23.04
N SER A 185 -16.95 31.87 22.13
CA SER A 185 -18.23 32.47 21.74
C SER A 185 -19.21 31.45 21.18
N ASP A 186 -18.72 30.54 20.35
CA ASP A 186 -19.58 29.50 19.80
C ASP A 186 -18.88 28.15 19.79
N PRO A 187 -19.15 27.33 20.83
CA PRO A 187 -18.64 25.97 20.93
C PRO A 187 -19.45 24.98 20.08
N PHE A 188 -20.68 25.38 19.74
CA PHE A 188 -21.57 24.52 18.96
C PHE A 188 -21.09 24.36 17.52
N TYR A 189 -20.54 25.43 16.95
CA TYR A 189 -20.04 25.39 15.59
C TYR A 189 -18.90 26.39 15.37
N THR A 190 -17.95 26.01 14.52
CA THR A 190 -16.84 26.88 14.15
C THR A 190 -16.55 26.74 12.66
N PRO A 191 -16.28 27.88 11.99
CA PRO A 191 -16.07 27.91 10.54
C PRO A 191 -14.71 27.38 10.09
N GLU A 192 -13.95 26.81 11.01
CA GLU A 192 -12.62 26.28 10.69
C GLU A 192 -12.25 25.19 11.68
N PRO A 193 -11.34 24.27 11.27
CA PRO A 193 -10.94 23.20 12.18
C PRO A 193 -10.22 23.72 13.42
N ASP A 194 -10.51 23.09 14.56
CA ASP A 194 -9.76 23.33 15.78
C ASP A 194 -9.36 21.97 16.36
N THR A 195 -8.65 21.97 17.48
CA THR A 195 -8.17 20.72 18.04
C THR A 195 -9.33 19.82 18.49
N CYS A 196 -10.46 20.43 18.81
CA CYS A 196 -11.67 19.67 19.15
C CYS A 196 -12.14 18.86 17.95
N HIS A 197 -12.14 19.49 16.78
CA HIS A 197 -12.55 18.82 15.55
C HIS A 197 -11.65 17.65 15.21
N GLU A 198 -10.35 17.81 15.43
CA GLU A 198 -9.39 16.76 15.15
C GLU A 198 -9.55 15.60 16.14
N LEU A 199 -9.63 15.93 17.43
CA LEU A 199 -9.63 14.93 18.49
C LEU A 199 -10.94 14.16 18.61
N LEU A 200 -12.06 14.87 18.46
CA LEU A 200 -13.37 14.24 18.61
C LEU A 200 -13.95 13.78 17.28
N GLY A 201 -13.59 14.46 16.20
CA GLY A 201 -14.10 14.12 14.89
C GLY A 201 -13.30 13.08 14.13
N HIS A 202 -11.99 13.30 14.03
CA HIS A 202 -11.14 12.47 13.17
C HIS A 202 -10.48 11.30 13.89
N VAL A 203 -9.88 11.56 15.05
CA VAL A 203 -9.05 10.58 15.74
C VAL A 203 -9.74 9.22 16.03
N PRO A 204 -11.00 9.24 16.54
CA PRO A 204 -11.61 7.94 16.86
C PRO A 204 -11.77 6.99 15.68
N LEU A 205 -11.99 7.53 14.49
CA LEU A 205 -12.17 6.70 13.30
C LEU A 205 -10.84 6.34 12.65
N LEU A 206 -9.83 7.17 12.85
CA LEU A 206 -8.49 6.88 12.36
C LEU A 206 -7.90 5.68 13.10
N ALA A 207 -8.48 5.35 14.24
CA ALA A 207 -8.08 4.19 15.01
C ALA A 207 -8.72 2.91 14.48
N GLU A 208 -9.60 3.06 13.49
CA GLU A 208 -10.28 1.93 12.89
C GLU A 208 -9.59 1.52 11.59
N PRO A 209 -9.06 0.29 11.55
CA PRO A 209 -8.25 -0.23 10.44
C PRO A 209 -8.91 -0.07 9.07
N SER A 210 -10.20 -0.40 8.97
CA SER A 210 -10.93 -0.27 7.73
C SER A 210 -11.02 1.19 7.28
N PHE A 211 -11.27 2.09 8.23
CA PHE A 211 -11.34 3.50 7.93
C PHE A 211 -9.94 4.08 7.66
N ALA A 212 -8.96 3.56 8.38
CA ALA A 212 -7.56 3.95 8.18
C ALA A 212 -7.10 3.65 6.76
N GLN A 213 -7.48 2.46 6.29
CA GLN A 213 -7.14 2.03 4.94
C GLN A 213 -7.84 2.91 3.90
N PHE A 214 -9.12 3.20 4.16
CA PHE A 214 -9.92 4.05 3.28
C PHE A 214 -9.29 5.43 3.10
N SER A 215 -8.86 6.03 4.22
CA SER A 215 -8.26 7.35 4.19
C SER A 215 -6.95 7.38 3.40
N GLN A 216 -6.08 6.41 3.67
CA GLN A 216 -4.78 6.35 3.00
C GLN A 216 -4.92 6.16 1.49
N GLU A 217 -5.88 5.34 1.08
CA GLU A 217 -6.06 5.05 -0.34
C GLU A 217 -6.54 6.27 -1.11
N ILE A 218 -7.30 7.12 -0.45
CA ILE A 218 -7.65 8.42 -1.03
C ILE A 218 -6.38 9.24 -1.19
N GLY A 219 -5.55 9.22 -0.16
CA GLY A 219 -4.27 9.89 -0.20
C GLY A 219 -3.33 9.34 -1.25
N LEU A 220 -3.21 8.02 -1.30
CA LEU A 220 -2.35 7.36 -2.28
C LEU A 220 -2.79 7.68 -3.70
N ALA A 221 -4.10 7.76 -3.90
CA ALA A 221 -4.65 8.11 -5.21
C ALA A 221 -4.31 9.53 -5.60
N SER A 222 -4.13 10.39 -4.61
CA SER A 222 -3.89 11.81 -4.85
C SER A 222 -2.45 12.11 -5.27
N LEU A 223 -1.54 11.21 -4.95
CA LEU A 223 -0.11 11.44 -5.17
C LEU A 223 0.22 11.66 -6.64
N GLY A 224 0.68 12.87 -6.96
CA GLY A 224 1.08 13.20 -8.31
C GLY A 224 -0.06 13.27 -9.31
N ALA A 225 -1.29 13.16 -8.82
CA ALA A 225 -2.46 13.20 -9.68
C ALA A 225 -2.69 14.60 -10.24
N SER A 226 -3.47 14.68 -11.31
CA SER A 226 -3.79 15.95 -11.94
C SER A 226 -4.61 16.82 -10.99
N GLU A 227 -4.61 18.12 -11.24
CA GLU A 227 -5.37 19.08 -10.44
C GLU A 227 -6.86 18.71 -10.40
N GLU A 228 -7.39 18.32 -11.55
CA GLU A 228 -8.78 17.90 -11.64
C GLU A 228 -9.05 16.66 -10.80
N ALA A 229 -8.11 15.72 -10.83
CA ALA A 229 -8.24 14.47 -10.08
C ALA A 229 -8.20 14.72 -8.58
N VAL A 230 -7.25 15.55 -8.15
CA VAL A 230 -7.10 15.89 -6.74
C VAL A 230 -8.37 16.52 -6.17
N GLN A 231 -8.97 17.44 -6.93
CA GLN A 231 -10.18 18.11 -6.49
C GLN A 231 -11.36 17.14 -6.40
N LYS A 232 -11.43 16.21 -7.34
CA LYS A 232 -12.47 15.18 -7.30
C LYS A 232 -12.31 14.32 -6.06
N LEU A 233 -11.07 13.91 -5.81
CA LEU A 233 -10.72 13.14 -4.62
C LEU A 233 -11.00 13.93 -3.35
N ALA A 234 -10.68 15.22 -3.39
CA ALA A 234 -10.88 16.10 -2.24
C ALA A 234 -12.36 16.23 -1.90
N THR A 235 -13.21 16.23 -2.91
CA THR A 235 -14.65 16.33 -2.71
C THR A 235 -15.21 15.03 -2.15
N CYS A 236 -14.72 13.91 -2.66
CA CYS A 236 -15.13 12.60 -2.16
C CYS A 236 -14.67 12.41 -0.72
N TYR A 237 -13.47 12.90 -0.43
CA TYR A 237 -12.94 12.90 0.94
C TYR A 237 -13.85 13.73 1.84
N PHE A 238 -14.25 14.89 1.35
CA PHE A 238 -15.08 15.83 2.09
C PHE A 238 -16.42 15.23 2.50
N PHE A 239 -17.08 14.55 1.58
CA PHE A 239 -18.41 14.02 1.83
C PHE A 239 -18.40 12.60 2.38
N THR A 240 -17.21 12.13 2.75
CA THR A 240 -17.09 10.88 3.49
C THR A 240 -16.42 11.11 4.84
N VAL A 241 -15.12 11.37 4.81
CA VAL A 241 -14.33 11.55 6.02
C VAL A 241 -14.82 12.72 6.86
N GLU A 242 -15.15 13.83 6.22
CA GLU A 242 -15.53 15.04 6.96
C GLU A 242 -17.03 15.18 7.19
N PHE A 243 -17.84 14.76 6.21
CA PHE A 243 -19.28 14.96 6.33
C PHE A 243 -20.11 13.77 5.84
N GLY A 244 -19.55 12.57 5.97
CA GLY A 244 -20.23 11.37 5.51
C GLY A 244 -21.27 10.80 6.46
N LEU A 245 -22.23 10.08 5.90
CA LEU A 245 -23.21 9.33 6.68
C LEU A 245 -23.13 7.87 6.28
N CYS A 246 -23.45 6.97 7.19
CA CYS A 246 -23.43 5.55 6.88
C CYS A 246 -24.71 4.84 7.33
N LYS A 247 -24.99 3.70 6.70
CA LYS A 247 -26.17 2.91 7.03
C LYS A 247 -25.78 1.67 7.82
N GLN A 248 -26.21 1.61 9.08
CA GLN A 248 -25.91 0.48 9.94
C GLN A 248 -27.17 -0.07 10.59
N ASP A 249 -27.44 -1.35 10.34
CA ASP A 249 -28.67 -2.00 10.81
C ASP A 249 -29.91 -1.22 10.41
N GLY A 250 -29.91 -0.69 9.19
CA GLY A 250 -31.06 0.03 8.67
C GLY A 250 -31.13 1.47 9.13
N GLN A 251 -30.20 1.88 9.98
CA GLN A 251 -30.22 3.24 10.52
C GLN A 251 -29.15 4.12 9.91
N LEU A 252 -29.46 5.41 9.78
CA LEU A 252 -28.47 6.40 9.36
C LEU A 252 -27.59 6.80 10.53
N ARG A 253 -26.29 6.61 10.38
CA ARG A 253 -25.33 7.02 11.41
C ARG A 253 -24.29 7.97 10.85
N VAL A 254 -23.62 8.67 11.75
CA VAL A 254 -22.64 9.68 11.35
C VAL A 254 -21.21 9.21 11.56
N PHE A 255 -20.39 9.34 10.52
CA PHE A 255 -18.96 9.09 10.65
C PHE A 255 -18.17 10.28 10.10
N GLY A 256 -18.88 11.29 9.61
CA GLY A 256 -18.25 12.51 9.15
C GLY A 256 -17.64 13.27 10.30
N ALA A 257 -16.34 13.55 10.19
CA ALA A 257 -15.59 14.19 11.27
C ALA A 257 -16.10 15.61 11.56
N GLY A 258 -16.41 16.34 10.50
CA GLY A 258 -16.93 17.70 10.63
C GLY A 258 -18.27 17.72 11.33
N LEU A 259 -19.01 16.62 11.20
CA LEU A 259 -20.30 16.46 11.85
C LEU A 259 -20.14 16.03 13.31
N LEU A 260 -19.24 15.08 13.55
CA LEU A 260 -19.06 14.49 14.87
C LEU A 260 -18.49 15.48 15.90
N SER A 261 -17.96 16.60 15.42
CA SER A 261 -17.36 17.58 16.32
C SER A 261 -18.19 18.86 16.38
N SER A 262 -19.35 18.84 15.72
CA SER A 262 -20.24 19.98 15.73
C SER A 262 -21.58 19.60 16.34
N ILE A 263 -21.87 20.15 17.52
CA ILE A 263 -23.09 19.83 18.26
C ILE A 263 -24.35 20.11 17.44
N SER A 264 -24.36 21.25 16.76
CA SER A 264 -25.54 21.69 16.03
C SER A 264 -25.76 20.88 14.75
N GLU A 265 -24.71 20.73 13.94
CA GLU A 265 -24.85 20.04 12.66
C GLU A 265 -25.03 18.53 12.81
N LEU A 266 -24.47 17.96 13.88
CA LEU A 266 -24.63 16.53 14.14
C LEU A 266 -26.11 16.20 14.31
N LYS A 267 -26.81 17.03 15.06
CA LYS A 267 -28.25 16.91 15.25
C LYS A 267 -28.99 17.18 13.95
N HIS A 268 -28.51 18.18 13.21
CA HIS A 268 -29.10 18.59 11.94
C HIS A 268 -29.01 17.50 10.88
N ALA A 269 -27.89 16.78 10.86
CA ALA A 269 -27.63 15.76 9.85
C ALA A 269 -28.63 14.60 9.91
N LEU A 270 -29.00 14.20 11.13
CA LEU A 270 -29.92 13.07 11.31
C LEU A 270 -31.34 13.51 11.67
N SER A 271 -31.58 14.81 11.64
CA SER A 271 -32.89 15.36 12.01
C SER A 271 -33.98 14.90 11.05
N GLY A 272 -33.64 14.76 9.77
CA GLY A 272 -34.60 14.39 8.75
C GLY A 272 -34.92 15.59 7.87
N HIS A 273 -34.40 16.75 8.26
CA HIS A 273 -34.58 17.98 7.52
C HIS A 273 -33.45 18.19 6.52
N ALA A 274 -32.53 17.23 6.46
CA ALA A 274 -31.36 17.31 5.60
C ALA A 274 -31.53 16.49 4.33
N LYS A 275 -30.85 16.90 3.27
CA LYS A 275 -30.93 16.19 2.00
C LYS A 275 -29.94 15.04 1.99
N VAL A 276 -30.41 13.87 1.56
CA VAL A 276 -29.59 12.66 1.62
C VAL A 276 -29.50 11.96 0.25
N LYS A 277 -28.29 11.57 -0.13
CA LYS A 277 -28.07 10.86 -1.39
C LYS A 277 -27.10 9.71 -1.18
N PRO A 278 -27.23 8.65 -2.00
CA PRO A 278 -26.28 7.53 -1.86
C PRO A 278 -24.89 7.96 -2.29
N PHE A 279 -23.86 7.48 -1.60
CA PHE A 279 -22.49 7.83 -1.98
C PHE A 279 -22.13 7.19 -3.31
N ASP A 280 -21.82 8.04 -4.28
CA ASP A 280 -21.43 7.60 -5.61
C ASP A 280 -20.38 8.56 -6.14
N PRO A 281 -19.11 8.12 -6.16
CA PRO A 281 -17.96 8.99 -6.39
C PRO A 281 -18.06 9.87 -7.64
N LYS A 282 -18.60 9.33 -8.74
CA LYS A 282 -18.74 10.11 -9.96
C LYS A 282 -19.72 11.27 -9.77
N ILE A 283 -20.75 11.04 -8.98
CA ILE A 283 -21.75 12.07 -8.69
C ILE A 283 -21.34 12.92 -7.49
N THR A 284 -20.87 12.25 -6.44
CA THR A 284 -20.47 12.93 -5.20
C THR A 284 -19.36 13.96 -5.43
N CYS A 285 -18.44 13.67 -6.34
CA CYS A 285 -17.29 14.55 -6.58
C CYS A 285 -17.69 15.83 -7.31
N LYS A 286 -18.94 15.89 -7.77
CA LYS A 286 -19.42 17.05 -8.49
C LYS A 286 -20.20 17.98 -7.56
N GLN A 287 -20.27 17.63 -6.28
CA GLN A 287 -20.99 18.43 -5.31
C GLN A 287 -20.12 19.52 -4.71
N GLU A 288 -20.66 20.72 -4.57
CA GLU A 288 -19.93 21.86 -4.02
C GLU A 288 -19.73 21.71 -2.52
N CYS A 289 -18.52 21.98 -2.05
CA CYS A 289 -18.21 21.91 -0.63
C CYS A 289 -18.36 23.28 0.03
N LEU A 290 -19.26 23.37 1.01
CA LEU A 290 -19.55 24.63 1.67
C LEU A 290 -18.78 24.80 2.98
N ILE A 291 -18.37 26.04 3.25
CA ILE A 291 -17.72 26.39 4.51
C ILE A 291 -18.54 27.42 5.27
N THR A 292 -18.36 27.43 6.59
CA THR A 292 -19.01 28.38 7.51
C THR A 292 -20.51 28.14 7.61
N THR A 293 -20.98 27.05 7.01
CA THR A 293 -22.39 26.71 7.02
C THR A 293 -22.60 25.21 7.17
N PHE A 294 -23.85 24.81 7.35
CA PHE A 294 -24.20 23.40 7.28
C PHE A 294 -24.14 22.98 5.82
N GLN A 295 -23.87 21.71 5.55
CA GLN A 295 -23.87 21.23 4.19
C GLN A 295 -25.30 21.16 3.65
N ASP A 296 -25.45 21.34 2.34
CA ASP A 296 -26.77 21.33 1.71
C ASP A 296 -27.25 19.91 1.45
N VAL A 297 -26.31 18.97 1.42
CA VAL A 297 -26.63 17.56 1.18
C VAL A 297 -25.58 16.67 1.84
N TYR A 298 -26.01 15.49 2.28
CA TYR A 298 -25.10 14.51 2.84
C TYR A 298 -25.15 13.21 2.04
N PHE A 299 -24.02 12.52 1.94
CA PHE A 299 -23.95 11.29 1.18
C PHE A 299 -23.81 10.07 2.09
N VAL A 300 -24.58 9.03 1.79
CA VAL A 300 -24.60 7.83 2.62
C VAL A 300 -23.84 6.67 1.98
N SER A 301 -22.81 6.19 2.69
CA SER A 301 -22.08 5.00 2.27
C SER A 301 -22.65 3.76 2.96
N GLU A 302 -22.57 2.62 2.28
CA GLU A 302 -23.05 1.37 2.88
C GLU A 302 -22.15 0.95 4.02
N SER A 303 -20.85 1.15 3.83
CA SER A 303 -19.84 0.83 4.84
C SER A 303 -18.51 1.45 4.43
N PHE A 304 -17.53 1.37 5.33
CA PHE A 304 -16.20 1.91 5.05
C PHE A 304 -15.53 1.14 3.91
N GLU A 305 -15.66 -0.18 3.92
CA GLU A 305 -15.09 -1.00 2.87
C GLU A 305 -15.84 -0.80 1.56
N ASP A 306 -17.13 -0.49 1.67
CA ASP A 306 -17.94 -0.18 0.51
C ASP A 306 -17.50 1.16 -0.10
N ALA A 307 -17.30 2.14 0.75
CA ALA A 307 -16.79 3.45 0.32
C ALA A 307 -15.41 3.29 -0.29
N LYS A 308 -14.61 2.41 0.31
CA LYS A 308 -13.26 2.11 -0.19
C LYS A 308 -13.30 1.50 -1.59
N GLU A 309 -14.16 0.51 -1.78
CA GLU A 309 -14.29 -0.16 -3.07
C GLU A 309 -14.80 0.79 -4.16
N LYS A 310 -15.76 1.63 -3.80
CA LYS A 310 -16.30 2.60 -4.76
C LYS A 310 -15.22 3.60 -5.18
N MET A 311 -14.33 3.94 -4.25
CA MET A 311 -13.23 4.85 -4.55
C MET A 311 -12.19 4.21 -5.45
N ARG A 312 -11.88 2.94 -5.19
CA ARG A 312 -10.88 2.22 -5.99
C ARG A 312 -11.30 2.17 -7.44
N GLU A 313 -12.59 1.96 -7.65
CA GLU A 313 -13.18 1.92 -8.98
C GLU A 313 -13.08 3.31 -9.62
N PHE A 314 -13.33 4.34 -8.82
CA PHE A 314 -13.35 5.72 -9.29
C PHE A 314 -11.97 6.31 -9.64
N THR A 315 -10.94 5.92 -8.88
CA THR A 315 -9.62 6.49 -9.07
C THR A 315 -8.97 6.00 -10.36
N LYS A 316 -9.40 4.83 -10.82
CA LYS A 316 -8.96 4.30 -12.10
C LYS A 316 -9.48 5.14 -13.25
N THR A 317 -10.69 5.66 -13.10
CA THR A 317 -11.33 6.48 -14.13
C THR A 317 -10.65 7.83 -14.32
N ILE A 318 -9.95 8.30 -13.29
CA ILE A 318 -9.30 9.61 -13.36
C ILE A 318 -7.78 9.49 -13.35
N SER B 29 -11.61 -36.70 -5.73
CA SER B 29 -12.18 -35.36 -5.84
C SER B 29 -11.08 -34.31 -6.01
N VAL B 30 -11.48 -33.13 -6.48
CA VAL B 30 -10.54 -32.04 -6.73
C VAL B 30 -10.27 -31.22 -5.48
N PRO B 31 -8.98 -30.99 -5.18
CA PRO B 31 -8.61 -30.11 -4.06
C PRO B 31 -8.95 -28.66 -4.38
N TRP B 32 -9.13 -27.83 -3.36
CA TRP B 32 -9.49 -26.43 -3.56
C TRP B 32 -8.45 -25.67 -4.37
N PHE B 33 -8.93 -24.81 -5.28
CA PHE B 33 -8.06 -23.91 -6.03
C PHE B 33 -8.83 -22.60 -6.28
N PRO B 34 -8.10 -21.49 -6.41
CA PRO B 34 -8.75 -20.20 -6.64
C PRO B 34 -9.53 -20.13 -7.95
N LYS B 35 -10.68 -19.48 -7.93
CA LYS B 35 -11.52 -19.37 -9.11
C LYS B 35 -11.52 -17.95 -9.65
N LYS B 36 -11.01 -17.03 -8.85
CA LYS B 36 -10.85 -15.64 -9.26
C LYS B 36 -9.62 -15.03 -8.58
N ILE B 37 -9.19 -13.88 -9.07
CA ILE B 37 -7.95 -13.27 -8.62
C ILE B 37 -7.97 -12.94 -7.13
N SER B 38 -9.15 -12.62 -6.61
CA SER B 38 -9.31 -12.27 -5.20
C SER B 38 -9.26 -13.49 -4.28
N ASP B 39 -9.48 -14.67 -4.86
CA ASP B 39 -9.45 -15.91 -4.10
C ASP B 39 -8.05 -16.23 -3.56
N LEU B 40 -7.04 -15.57 -4.11
CA LEU B 40 -5.67 -15.78 -3.68
C LEU B 40 -5.43 -15.31 -2.25
N ASP B 41 -6.41 -14.59 -1.70
CA ASP B 41 -6.39 -14.16 -0.30
C ASP B 41 -6.33 -15.37 0.64
N HIS B 42 -6.93 -16.47 0.20
CA HIS B 42 -7.10 -17.65 1.03
C HIS B 42 -5.93 -18.63 0.95
N CYS B 43 -4.93 -18.33 0.11
CA CYS B 43 -3.78 -19.21 -0.02
C CYS B 43 -2.45 -18.49 0.13
N ALA B 44 -2.47 -17.16 0.01
CA ALA B 44 -1.22 -16.39 0.02
C ALA B 44 -0.57 -16.30 1.39
N ASN B 45 -1.31 -16.62 2.45
CA ASN B 45 -0.75 -16.51 3.80
C ASN B 45 -0.33 -17.87 4.36
N ARG B 46 -0.24 -18.86 3.47
CA ARG B 46 0.21 -20.19 3.86
C ARG B 46 1.73 -20.29 3.90
N ASP B 63 21.75 -11.77 13.60
CA ASP B 63 21.52 -10.35 13.87
C ASP B 63 20.08 -10.14 14.29
N ASN B 64 19.87 -9.74 15.55
CA ASN B 64 18.53 -9.62 16.10
C ASN B 64 17.73 -8.46 15.50
N VAL B 65 18.37 -7.31 15.30
CA VAL B 65 17.69 -6.16 14.72
C VAL B 65 17.26 -6.49 13.29
N TYR B 66 18.04 -7.32 12.62
CA TYR B 66 17.69 -7.83 11.30
C TYR B 66 16.43 -8.69 11.39
N ARG B 67 16.33 -9.46 12.46
CA ARG B 67 15.19 -10.34 12.69
C ARG B 67 13.88 -9.55 12.80
N LYS B 68 13.92 -8.44 13.52
CA LYS B 68 12.75 -7.57 13.65
C LYS B 68 12.39 -6.90 12.32
N ARG B 69 13.41 -6.55 11.55
CA ARG B 69 13.22 -5.98 10.23
C ARG B 69 12.50 -6.97 9.33
N ARG B 70 12.90 -8.24 9.42
CA ARG B 70 12.28 -9.30 8.64
C ARG B 70 10.83 -9.52 9.07
N LYS B 71 10.60 -9.44 10.38
CA LYS B 71 9.25 -9.58 10.92
C LYS B 71 8.35 -8.45 10.43
N TYR B 72 8.92 -7.25 10.31
CA TYR B 72 8.19 -6.09 9.80
C TYR B 72 7.65 -6.36 8.40
N PHE B 73 8.52 -6.87 7.52
CA PHE B 73 8.13 -7.17 6.15
C PHE B 73 7.12 -8.32 6.11
N ALA B 74 7.31 -9.31 6.96
CA ALA B 74 6.41 -10.45 7.03
C ALA B 74 5.01 -10.03 7.44
N ASP B 75 4.92 -9.10 8.39
CA ASP B 75 3.64 -8.58 8.85
C ASP B 75 2.88 -7.86 7.75
N LEU B 76 3.60 -7.10 6.93
CA LEU B 76 3.00 -6.35 5.84
C LEU B 76 2.32 -7.26 4.83
N ALA B 77 2.99 -8.36 4.48
CA ALA B 77 2.48 -9.30 3.49
C ALA B 77 1.27 -10.07 4.00
N MET B 78 1.31 -10.47 5.27
CA MET B 78 0.24 -11.25 5.86
C MET B 78 -1.08 -10.49 5.88
N ASN B 79 -1.02 -9.20 6.18
CA ASN B 79 -2.22 -8.39 6.29
C ASN B 79 -2.70 -7.83 4.96
N TYR B 80 -1.98 -8.15 3.89
CA TYR B 80 -2.35 -7.67 2.56
C TYR B 80 -3.55 -8.44 2.01
N LYS B 81 -4.50 -7.69 1.45
CA LYS B 81 -5.66 -8.28 0.81
C LYS B 81 -5.74 -7.80 -0.62
N HIS B 82 -6.27 -8.64 -1.51
CA HIS B 82 -6.39 -8.28 -2.92
C HIS B 82 -7.15 -6.96 -3.10
N GLY B 83 -6.61 -6.08 -3.93
CA GLY B 83 -7.21 -4.78 -4.16
C GLY B 83 -6.45 -3.68 -3.45
N ASP B 84 -5.81 -4.03 -2.34
CA ASP B 84 -4.99 -3.08 -1.60
C ASP B 84 -3.79 -2.65 -2.43
N PRO B 85 -3.42 -1.37 -2.34
CA PRO B 85 -2.12 -1.00 -2.90
C PRO B 85 -1.02 -1.64 -2.08
N ILE B 86 0.01 -2.16 -2.72
CA ILE B 86 1.11 -2.78 -1.99
C ILE B 86 1.83 -1.71 -1.19
N PRO B 87 1.87 -1.87 0.15
CA PRO B 87 2.44 -0.86 1.04
C PRO B 87 3.85 -0.45 0.63
N LYS B 88 4.07 0.85 0.45
CA LYS B 88 5.39 1.35 0.09
C LYS B 88 6.29 1.39 1.31
N VAL B 89 7.54 1.00 1.13
CA VAL B 89 8.46 0.84 2.25
C VAL B 89 9.68 1.75 2.13
N GLU B 90 10.02 2.43 3.22
CA GLU B 90 11.25 3.21 3.28
C GLU B 90 12.40 2.29 3.71
N PHE B 91 13.24 1.92 2.76
CA PHE B 91 14.35 1.02 3.03
C PHE B 91 15.49 1.74 3.74
N THR B 92 16.19 1.01 4.60
CA THR B 92 17.34 1.57 5.30
C THR B 92 18.53 1.63 4.36
N GLU B 93 19.53 2.43 4.72
CA GLU B 93 20.70 2.61 3.87
C GLU B 93 21.45 1.30 3.62
N GLU B 94 21.59 0.48 4.65
CA GLU B 94 22.26 -0.81 4.51
C GLU B 94 21.53 -1.68 3.49
N GLU B 95 20.21 -1.65 3.53
CA GLU B 95 19.39 -2.38 2.56
C GLU B 95 19.61 -1.80 1.17
N ILE B 96 19.60 -0.47 1.08
CA ILE B 96 19.83 0.21 -0.19
C ILE B 96 21.25 -0.02 -0.70
N LYS B 97 22.23 0.00 0.20
CA LYS B 97 23.61 -0.27 -0.16
C LYS B 97 23.76 -1.69 -0.68
N THR B 98 23.03 -2.62 -0.07
CA THR B 98 23.05 -4.01 -0.51
C THR B 98 22.47 -4.13 -1.92
N TRP B 99 21.31 -3.52 -2.12
CA TRP B 99 20.68 -3.46 -3.43
C TRP B 99 21.61 -2.85 -4.46
N GLY B 100 22.22 -1.72 -4.10
CA GLY B 100 23.12 -1.01 -4.97
C GLY B 100 24.31 -1.84 -5.43
N THR B 101 24.84 -2.66 -4.52
CA THR B 101 25.96 -3.53 -4.83
C THR B 101 25.56 -4.60 -5.84
N VAL B 102 24.48 -5.32 -5.53
CA VAL B 102 23.96 -6.36 -6.41
C VAL B 102 23.58 -5.80 -7.78
N PHE B 103 22.82 -4.70 -7.77
CA PHE B 103 22.35 -4.05 -8.98
C PHE B 103 23.51 -3.64 -9.87
N GLN B 104 24.52 -3.00 -9.26
CA GLN B 104 25.71 -2.55 -9.98
C GLN B 104 26.45 -3.68 -10.69
N GLU B 105 26.66 -4.78 -9.98
CA GLU B 105 27.44 -5.89 -10.52
C GLU B 105 26.68 -6.67 -11.59
N LEU B 106 25.38 -6.87 -11.36
CA LEU B 106 24.55 -7.60 -12.31
C LEU B 106 24.45 -6.87 -13.65
N ASN B 107 24.37 -5.54 -13.60
CA ASN B 107 24.27 -4.74 -14.81
C ASN B 107 25.54 -4.80 -15.65
N LYS B 108 26.65 -5.15 -15.00
CA LYS B 108 27.90 -5.39 -15.71
C LYS B 108 27.84 -6.71 -16.48
N LEU B 109 27.02 -7.63 -15.98
CA LEU B 109 26.96 -8.98 -16.53
C LEU B 109 25.82 -9.15 -17.54
N TYR B 110 24.73 -8.40 -17.34
CA TYR B 110 23.53 -8.54 -18.16
C TYR B 110 23.74 -8.43 -19.68
N PRO B 111 24.53 -7.45 -20.16
CA PRO B 111 24.71 -7.36 -21.61
C PRO B 111 25.29 -8.62 -22.25
N THR B 112 26.16 -9.32 -21.53
CA THR B 112 26.80 -10.52 -22.08
C THR B 112 26.13 -11.81 -21.63
N HIS B 113 25.23 -11.72 -20.66
CA HIS B 113 24.62 -12.91 -20.07
C HIS B 113 23.11 -12.98 -20.26
N ALA B 114 22.44 -11.86 -20.07
CA ALA B 114 20.97 -11.84 -20.08
C ALA B 114 20.40 -12.01 -21.48
N CYS B 115 19.20 -12.58 -21.55
CA CYS B 115 18.51 -12.78 -22.82
C CYS B 115 18.08 -11.47 -23.46
N ARG B 116 17.72 -11.53 -24.73
CA ARG B 116 17.37 -10.35 -25.52
C ARG B 116 16.16 -9.61 -24.94
N GLU B 117 15.16 -10.36 -24.49
CA GLU B 117 13.94 -9.77 -23.95
C GLU B 117 14.21 -9.05 -22.63
N TYR B 118 15.08 -9.63 -21.82
CA TYR B 118 15.45 -9.04 -20.53
C TYR B 118 16.12 -7.67 -20.73
N LEU B 119 17.07 -7.62 -21.67
CA LEU B 119 17.81 -6.41 -21.94
C LEU B 119 16.92 -5.32 -22.54
N LYS B 120 15.83 -5.73 -23.16
CA LYS B 120 14.88 -4.78 -23.75
C LYS B 120 14.03 -4.08 -22.69
N ASN B 121 13.56 -4.87 -21.72
CA ASN B 121 12.57 -4.37 -20.77
C ASN B 121 13.19 -3.74 -19.52
N LEU B 122 14.44 -4.12 -19.22
CA LEU B 122 15.15 -3.57 -18.07
C LEU B 122 15.28 -2.04 -18.10
N PRO B 123 15.60 -1.43 -19.26
CA PRO B 123 15.63 0.04 -19.26
C PRO B 123 14.25 0.67 -19.06
N LEU B 124 13.19 -0.02 -19.48
CA LEU B 124 11.83 0.47 -19.28
C LEU B 124 11.52 0.58 -17.80
N LEU B 125 12.04 -0.37 -17.02
CA LEU B 125 11.85 -0.37 -15.57
C LEU B 125 12.61 0.74 -14.89
N SER B 126 13.78 1.07 -15.43
CA SER B 126 14.62 2.10 -14.84
C SER B 126 14.12 3.49 -15.21
N LYS B 127 13.31 3.56 -16.26
CA LYS B 127 12.78 4.84 -16.74
C LYS B 127 11.40 5.12 -16.16
N TYR B 128 10.73 4.09 -15.67
CA TYR B 128 9.37 4.26 -15.17
C TYR B 128 9.16 3.77 -13.73
N CYS B 129 10.03 2.91 -13.24
CA CYS B 129 9.82 2.32 -11.92
C CYS B 129 10.96 2.62 -10.94
N GLY B 130 11.90 3.47 -11.36
CA GLY B 130 12.95 3.92 -10.48
C GLY B 130 14.02 2.89 -10.14
N TYR B 131 14.36 2.04 -11.11
CA TYR B 131 15.45 1.09 -10.93
C TYR B 131 16.80 1.81 -10.96
N ARG B 132 17.40 1.97 -9.79
CA ARG B 132 18.68 2.65 -9.65
C ARG B 132 19.55 2.00 -8.59
N GLU B 133 20.84 2.33 -8.58
CA GLU B 133 21.74 1.84 -7.56
C GLU B 133 21.40 2.43 -6.20
N ASP B 134 20.90 3.67 -6.20
CA ASP B 134 20.61 4.37 -4.96
C ASP B 134 19.13 4.33 -4.57
N ASN B 135 18.35 3.54 -5.30
CA ASN B 135 16.92 3.45 -5.03
C ASN B 135 16.34 2.06 -5.27
N ILE B 136 15.70 1.51 -4.24
CA ILE B 136 14.99 0.25 -4.37
C ILE B 136 13.56 0.50 -4.85
N PRO B 137 13.20 -0.08 -6.00
CA PRO B 137 11.86 0.06 -6.58
C PRO B 137 10.77 -0.47 -5.66
N GLN B 138 9.61 0.18 -5.66
CA GLN B 138 8.48 -0.28 -4.87
C GLN B 138 7.68 -1.32 -5.62
N LEU B 139 7.24 -2.35 -4.91
CA LEU B 139 6.44 -3.41 -5.50
C LEU B 139 5.16 -2.87 -6.13
N GLU B 140 4.59 -1.84 -5.50
CA GLU B 140 3.36 -1.23 -6.00
C GLU B 140 3.56 -0.57 -7.38
N ASP B 141 4.65 0.17 -7.52
CA ASP B 141 4.94 0.86 -8.77
C ASP B 141 5.19 -0.13 -9.89
N VAL B 142 6.02 -1.12 -9.60
CA VAL B 142 6.34 -2.16 -10.57
C VAL B 142 5.10 -2.99 -10.92
N SER B 143 4.24 -3.21 -9.93
CA SER B 143 2.99 -3.93 -10.15
C SER B 143 2.09 -3.21 -11.15
N ASN B 144 1.99 -1.89 -10.99
CA ASN B 144 1.20 -1.07 -11.90
C ASN B 144 1.75 -1.10 -13.31
N PHE B 145 3.08 -1.12 -13.40
CA PHE B 145 3.77 -1.18 -14.68
C PHE B 145 3.44 -2.48 -15.42
N LEU B 146 3.54 -3.60 -14.70
CA LEU B 146 3.27 -4.91 -15.27
C LEU B 146 1.82 -5.05 -15.72
N LYS B 147 0.91 -4.41 -14.99
CA LYS B 147 -0.52 -4.46 -15.31
C LYS B 147 -0.81 -3.86 -16.68
N GLU B 148 -0.16 -2.74 -16.97
CA GLU B 148 -0.36 -2.04 -18.23
C GLU B 148 0.24 -2.78 -19.41
N ARG B 149 1.42 -3.36 -19.24
CA ARG B 149 2.11 -4.05 -20.33
C ARG B 149 1.56 -5.44 -20.61
N THR B 150 1.47 -6.28 -19.58
CA THR B 150 1.12 -7.68 -19.79
C THR B 150 -0.02 -8.16 -18.88
N GLY B 151 -0.60 -7.23 -18.12
CA GLY B 151 -1.72 -7.57 -17.26
C GLY B 151 -1.33 -8.32 -16.00
N PHE B 152 -0.04 -8.57 -15.83
CA PHE B 152 0.45 -9.19 -14.61
C PHE B 152 0.38 -8.22 -13.44
N SER B 153 0.29 -8.76 -12.23
CA SER B 153 0.28 -7.92 -11.04
C SER B 153 1.12 -8.58 -9.95
N ILE B 154 1.47 -7.80 -8.94
CA ILE B 154 2.31 -8.31 -7.86
C ILE B 154 1.53 -8.40 -6.56
N ARG B 155 1.84 -9.42 -5.78
CA ARG B 155 1.22 -9.61 -4.49
C ARG B 155 2.30 -9.88 -3.46
N PRO B 156 2.37 -9.05 -2.41
CA PRO B 156 3.42 -9.22 -1.40
C PRO B 156 3.24 -10.49 -0.57
N VAL B 157 4.32 -11.26 -0.45
CA VAL B 157 4.27 -12.52 0.26
C VAL B 157 5.38 -12.57 1.29
N ALA B 158 5.08 -13.19 2.44
CA ALA B 158 6.01 -13.22 3.57
C ALA B 158 7.21 -14.10 3.28
N GLY B 159 6.96 -15.24 2.61
CA GLY B 159 8.01 -16.18 2.30
C GLY B 159 7.56 -17.20 1.29
N TYR B 160 8.10 -18.41 1.40
CA TYR B 160 7.77 -19.48 0.47
C TYR B 160 6.30 -19.90 0.55
N LEU B 161 5.66 -20.04 -0.60
CA LEU B 161 4.35 -20.67 -0.67
C LEU B 161 4.51 -22.06 -1.24
N SER B 162 3.51 -22.91 -1.02
CA SER B 162 3.49 -24.23 -1.66
C SER B 162 3.49 -24.05 -3.17
N PRO B 163 4.07 -25.02 -3.89
CA PRO B 163 4.09 -24.93 -5.36
C PRO B 163 2.68 -24.79 -5.94
N ARG B 164 1.71 -25.49 -5.34
CA ARG B 164 0.33 -25.41 -5.78
C ARG B 164 -0.21 -23.98 -5.64
N ASP B 165 -0.03 -23.40 -4.45
CA ASP B 165 -0.52 -22.05 -4.18
C ASP B 165 0.17 -21.01 -5.03
N PHE B 166 1.49 -21.16 -5.18
CA PHE B 166 2.28 -20.21 -5.97
C PHE B 166 1.88 -20.25 -7.45
N LEU B 167 1.80 -21.45 -8.01
CA LEU B 167 1.40 -21.61 -9.40
C LEU B 167 -0.05 -21.15 -9.60
N SER B 168 -0.87 -21.32 -8.58
CA SER B 168 -2.26 -20.88 -8.65
C SER B 168 -2.34 -19.37 -8.85
N GLY B 169 -1.38 -18.66 -8.27
CA GLY B 169 -1.29 -17.22 -8.46
C GLY B 169 -0.98 -16.85 -9.90
N LEU B 170 -0.09 -17.62 -10.53
CA LEU B 170 0.31 -17.39 -11.91
C LEU B 170 -0.87 -17.54 -12.88
N ALA B 171 -1.82 -18.39 -12.50
CA ALA B 171 -3.01 -18.65 -13.31
C ALA B 171 -3.81 -17.37 -13.55
N PHE B 172 -3.72 -16.44 -12.61
CA PHE B 172 -4.41 -15.17 -12.72
C PHE B 172 -3.41 -14.04 -12.98
N ARG B 173 -2.25 -14.43 -13.48
CA ARG B 173 -1.14 -13.52 -13.76
C ARG B 173 -0.79 -12.68 -12.54
N VAL B 174 -0.69 -13.34 -11.39
CA VAL B 174 -0.25 -12.71 -10.16
C VAL B 174 1.06 -13.35 -9.69
N PHE B 175 2.08 -12.53 -9.48
CA PHE B 175 3.36 -13.05 -8.99
C PHE B 175 3.59 -12.65 -7.52
N HIS B 176 3.70 -13.65 -6.66
CA HIS B 176 3.97 -13.42 -5.24
C HIS B 176 5.43 -13.02 -5.03
N CYS B 177 5.65 -11.82 -4.48
CA CYS B 177 7.00 -11.29 -4.32
C CYS B 177 7.35 -11.02 -2.87
N THR B 178 8.58 -11.35 -2.49
CA THR B 178 9.12 -10.96 -1.20
C THR B 178 9.50 -9.48 -1.25
N GLN B 179 9.43 -8.82 -0.10
CA GLN B 179 9.58 -7.37 -0.06
C GLN B 179 10.85 -6.96 0.68
N TYR B 180 11.43 -7.89 1.42
CA TYR B 180 12.64 -7.61 2.18
C TYR B 180 13.90 -7.71 1.32
N VAL B 181 15.00 -7.17 1.85
CA VAL B 181 16.28 -7.21 1.15
C VAL B 181 17.16 -8.27 1.80
N ARG B 182 18.03 -8.89 1.01
CA ARG B 182 18.91 -9.95 1.53
C ARG B 182 19.88 -9.38 2.55
N HIS B 183 20.39 -10.25 3.42
CA HIS B 183 21.34 -9.84 4.44
C HIS B 183 22.62 -9.30 3.80
N SER B 184 23.20 -8.28 4.41
CA SER B 184 24.37 -7.59 3.86
C SER B 184 25.59 -8.48 3.73
N SER B 185 25.62 -9.58 4.50
CA SER B 185 26.78 -10.47 4.53
C SER B 185 27.14 -11.05 3.17
N ASP B 186 26.13 -11.46 2.41
CA ASP B 186 26.37 -12.02 1.08
C ASP B 186 25.36 -11.51 0.06
N PRO B 187 25.75 -10.47 -0.70
CA PRO B 187 24.96 -9.93 -1.80
C PRO B 187 25.08 -10.77 -3.07
N PHE B 188 26.15 -11.56 -3.14
CA PHE B 188 26.43 -12.39 -4.31
C PHE B 188 25.43 -13.55 -4.45
N TYR B 189 25.04 -14.13 -3.32
CA TYR B 189 24.09 -15.23 -3.33
C TYR B 189 23.28 -15.30 -2.03
N THR B 190 22.02 -15.71 -2.15
CA THR B 190 21.16 -15.91 -0.99
C THR B 190 20.31 -17.18 -1.18
N PRO B 191 20.16 -17.97 -0.09
CA PRO B 191 19.45 -19.25 -0.17
C PRO B 191 17.92 -19.12 -0.23
N GLU B 192 17.42 -17.89 -0.35
CA GLU B 192 15.98 -17.65 -0.40
C GLU B 192 15.68 -16.35 -1.14
N PRO B 193 14.47 -16.22 -1.70
CA PRO B 193 14.11 -15.01 -2.44
C PRO B 193 14.11 -13.76 -1.57
N ASP B 194 14.58 -12.65 -2.13
CA ASP B 194 14.46 -11.34 -1.51
C ASP B 194 13.92 -10.38 -2.56
N THR B 195 13.70 -9.12 -2.19
CA THR B 195 13.09 -8.17 -3.10
C THR B 195 14.01 -7.90 -4.30
N CYS B 196 15.30 -8.09 -4.12
CA CYS B 196 16.26 -7.95 -5.22
C CYS B 196 16.02 -9.01 -6.27
N HIS B 197 15.80 -10.24 -5.83
CA HIS B 197 15.56 -11.36 -6.73
C HIS B 197 14.29 -11.17 -7.56
N GLU B 198 13.24 -10.64 -6.92
CA GLU B 198 11.98 -10.43 -7.61
C GLU B 198 12.09 -9.30 -8.64
N LEU B 199 12.68 -8.18 -8.23
CA LEU B 199 12.73 -6.98 -9.06
C LEU B 199 13.71 -7.09 -10.22
N LEU B 200 14.86 -7.71 -9.97
CA LEU B 200 15.90 -7.80 -11.00
C LEU B 200 15.79 -9.12 -11.79
N GLY B 201 15.29 -10.16 -11.14
CA GLY B 201 15.17 -11.45 -11.79
C GLY B 201 13.88 -11.69 -12.55
N HIS B 202 12.74 -11.44 -11.89
CA HIS B 202 11.44 -11.81 -12.43
C HIS B 202 10.76 -10.71 -13.23
N VAL B 203 10.72 -9.51 -12.65
CA VAL B 203 9.95 -8.40 -13.20
C VAL B 203 10.23 -8.06 -14.68
N PRO B 204 11.52 -7.98 -15.08
CA PRO B 204 11.76 -7.58 -16.48
C PRO B 204 11.17 -8.53 -17.51
N LEU B 205 11.11 -9.83 -17.18
CA LEU B 205 10.58 -10.81 -18.12
C LEU B 205 9.06 -10.94 -18.03
N LEU B 206 8.50 -10.61 -16.87
CA LEU B 206 7.05 -10.59 -16.70
C LEU B 206 6.43 -9.48 -17.55
N ALA B 207 7.25 -8.52 -17.95
CA ALA B 207 6.81 -7.43 -18.81
C ALA B 207 6.81 -7.85 -20.27
N GLU B 208 7.30 -9.07 -20.55
CA GLU B 208 7.33 -9.59 -21.90
C GLU B 208 6.16 -10.53 -22.16
N PRO B 209 5.29 -10.17 -23.12
CA PRO B 209 4.04 -10.86 -23.43
C PRO B 209 4.20 -12.36 -23.65
N SER B 210 5.20 -12.76 -24.42
CA SER B 210 5.44 -14.18 -24.69
C SER B 210 5.79 -14.92 -23.41
N PHE B 211 6.62 -14.29 -22.58
CA PHE B 211 7.01 -14.88 -21.30
C PHE B 211 5.83 -14.81 -20.32
N ALA B 212 5.05 -13.73 -20.42
CA ALA B 212 3.85 -13.56 -19.60
C ALA B 212 2.85 -14.67 -19.86
N GLN B 213 2.65 -15.00 -21.14
CA GLN B 213 1.73 -16.07 -21.52
C GLN B 213 2.25 -17.43 -21.05
N PHE B 214 3.54 -17.66 -21.22
CA PHE B 214 4.20 -18.89 -20.79
C PHE B 214 4.01 -19.16 -19.30
N SER B 215 4.21 -18.12 -18.50
CA SER B 215 4.08 -18.23 -17.06
C SER B 215 2.66 -18.57 -16.63
N GLN B 216 1.69 -17.86 -17.18
CA GLN B 216 0.29 -18.08 -16.84
C GLN B 216 -0.18 -19.49 -17.18
N GLU B 217 0.27 -20.00 -18.32
CA GLU B 217 -0.18 -21.32 -18.78
C GLU B 217 0.31 -22.42 -17.87
N ILE B 218 1.48 -22.23 -17.27
CA ILE B 218 1.97 -23.14 -16.24
C ILE B 218 1.02 -23.08 -15.04
N GLY B 219 0.64 -21.86 -14.67
CA GLY B 219 -0.31 -21.64 -13.60
C GLY B 219 -1.68 -22.20 -13.89
N LEU B 220 -2.19 -21.92 -15.09
CA LEU B 220 -3.50 -22.40 -15.51
C LEU B 220 -3.56 -23.92 -15.52
N ALA B 221 -2.46 -24.54 -15.95
CA ALA B 221 -2.37 -26.00 -15.97
C ALA B 221 -2.37 -26.59 -14.57
N SER B 222 -1.88 -25.83 -13.61
CA SER B 222 -1.73 -26.32 -12.24
C SER B 222 -3.04 -26.34 -11.46
N LEU B 223 -4.02 -25.54 -11.89
CA LEU B 223 -5.26 -25.37 -11.15
C LEU B 223 -6.03 -26.67 -10.97
N GLY B 224 -6.16 -27.11 -9.73
CA GLY B 224 -6.90 -28.32 -9.40
C GLY B 224 -6.24 -29.59 -9.88
N ALA B 225 -5.01 -29.47 -10.38
CA ALA B 225 -4.28 -30.63 -10.88
C ALA B 225 -3.85 -31.53 -9.73
N SER B 226 -3.53 -32.78 -10.05
CA SER B 226 -3.08 -33.72 -9.04
C SER B 226 -1.75 -33.29 -8.44
N GLU B 227 -1.46 -33.79 -7.23
CA GLU B 227 -0.21 -33.49 -6.54
C GLU B 227 0.99 -33.83 -7.43
N GLU B 228 0.90 -34.97 -8.11
CA GLU B 228 1.94 -35.42 -9.02
C GLU B 228 2.09 -34.44 -10.18
N ALA B 229 0.96 -33.97 -10.70
CA ALA B 229 0.95 -33.05 -11.83
C ALA B 229 1.55 -31.70 -11.44
N VAL B 230 1.15 -31.20 -10.27
CA VAL B 230 1.63 -29.92 -9.76
C VAL B 230 3.15 -29.90 -9.60
N GLN B 231 3.70 -30.98 -9.05
CA GLN B 231 5.14 -31.06 -8.82
C GLN B 231 5.93 -31.09 -10.13
N LYS B 232 5.42 -31.81 -11.13
CA LYS B 232 6.05 -31.84 -12.44
C LYS B 232 6.03 -30.46 -13.09
N LEU B 233 4.88 -29.80 -13.01
CA LEU B 233 4.73 -28.44 -13.54
C LEU B 233 5.64 -27.48 -12.79
N ALA B 234 5.71 -27.63 -11.47
CA ALA B 234 6.54 -26.76 -10.65
C ALA B 234 8.02 -26.90 -10.98
N THR B 235 8.44 -28.12 -11.32
CA THR B 235 9.83 -28.39 -11.64
C THR B 235 10.18 -27.80 -13.00
N CYS B 236 9.26 -27.90 -13.94
CA CYS B 236 9.44 -27.29 -15.25
C CYS B 236 9.49 -25.77 -15.11
N TYR B 237 8.66 -25.25 -14.21
CA TYR B 237 8.69 -23.82 -13.88
C TYR B 237 10.05 -23.44 -13.33
N PHE B 238 10.57 -24.27 -12.44
CA PHE B 238 11.85 -24.03 -11.77
C PHE B 238 13.00 -23.91 -12.76
N PHE B 239 13.04 -24.84 -13.72
CA PHE B 239 14.13 -24.90 -14.67
C PHE B 239 13.88 -24.08 -15.92
N THR B 240 12.82 -23.26 -15.88
CA THR B 240 12.59 -22.27 -16.93
C THR B 240 12.57 -20.87 -16.34
N VAL B 241 11.50 -20.53 -15.64
CA VAL B 241 11.31 -19.20 -15.10
C VAL B 241 12.40 -18.79 -14.10
N GLU B 242 12.79 -19.71 -13.23
CA GLU B 242 13.75 -19.38 -12.18
C GLU B 242 15.21 -19.67 -12.54
N PHE B 243 15.45 -20.74 -13.29
CA PHE B 243 16.83 -21.14 -13.60
C PHE B 243 17.02 -21.59 -15.04
N GLY B 244 16.21 -21.05 -15.94
CA GLY B 244 16.28 -21.42 -17.34
C GLY B 244 17.38 -20.73 -18.13
N LEU B 245 17.82 -21.40 -19.19
CA LEU B 245 18.76 -20.83 -20.14
C LEU B 245 18.10 -20.85 -21.52
N CYS B 246 18.44 -19.89 -22.38
CA CYS B 246 17.89 -19.90 -23.73
C CYS B 246 18.98 -19.72 -24.77
N LYS B 247 18.71 -20.19 -25.98
CA LYS B 247 19.66 -20.06 -27.08
C LYS B 247 19.17 -19.00 -28.05
N GLN B 248 19.95 -17.92 -28.16
CA GLN B 248 19.59 -16.80 -29.03
C GLN B 248 20.74 -16.48 -29.96
N ASP B 249 20.47 -16.54 -31.26
CA ASP B 249 21.48 -16.34 -32.30
C ASP B 249 22.69 -17.26 -32.09
N GLY B 250 22.42 -18.49 -31.69
CA GLY B 250 23.47 -19.48 -31.51
C GLY B 250 24.18 -19.38 -30.17
N GLN B 251 23.82 -18.37 -29.38
CA GLN B 251 24.49 -18.15 -28.09
C GLN B 251 23.60 -18.56 -26.93
N LEU B 252 24.23 -19.03 -25.86
CA LEU B 252 23.51 -19.34 -24.62
C LEU B 252 23.29 -18.07 -23.81
N ARG B 253 22.02 -17.78 -23.54
CA ARG B 253 21.67 -16.63 -22.71
C ARG B 253 20.82 -17.05 -21.51
N VAL B 254 20.75 -16.18 -20.52
CA VAL B 254 20.04 -16.48 -19.28
C VAL B 254 18.71 -15.74 -19.18
N PHE B 255 17.65 -16.48 -18.86
CA PHE B 255 16.36 -15.86 -18.55
C PHE B 255 15.83 -16.37 -17.21
N GLY B 256 16.59 -17.28 -16.58
CA GLY B 256 16.25 -17.74 -15.25
C GLY B 256 16.40 -16.65 -14.21
N ALA B 257 15.33 -16.38 -13.48
CA ALA B 257 15.31 -15.28 -12.51
C ALA B 257 16.28 -15.50 -11.36
N GLY B 258 16.39 -16.74 -10.89
CA GLY B 258 17.31 -17.07 -9.82
C GLY B 258 18.75 -16.85 -10.21
N LEU B 259 19.02 -16.98 -11.51
CA LEU B 259 20.34 -16.73 -12.06
C LEU B 259 20.57 -15.23 -12.26
N LEU B 260 19.56 -14.55 -12.79
CA LEU B 260 19.67 -13.14 -13.13
C LEU B 260 19.84 -12.23 -11.91
N SER B 261 19.57 -12.75 -10.72
CA SER B 261 19.68 -11.96 -9.51
C SER B 261 20.83 -12.42 -8.63
N SER B 262 21.61 -13.38 -9.14
CA SER B 262 22.77 -13.88 -8.42
C SER B 262 24.04 -13.63 -9.21
N ILE B 263 24.88 -12.74 -8.69
CA ILE B 263 26.12 -12.36 -9.37
C ILE B 263 27.01 -13.56 -9.67
N SER B 264 27.13 -14.45 -8.69
CA SER B 264 28.04 -15.59 -8.80
C SER B 264 27.51 -16.68 -9.73
N GLU B 265 26.26 -17.07 -9.54
CA GLU B 265 25.69 -18.16 -10.33
C GLU B 265 25.43 -17.76 -11.78
N LEU B 266 25.12 -16.49 -12.00
CA LEU B 266 24.92 -15.97 -13.36
C LEU B 266 26.18 -16.18 -14.18
N LYS B 267 27.31 -15.86 -13.55
CA LYS B 267 28.61 -16.08 -14.16
C LYS B 267 28.87 -17.58 -14.30
N HIS B 268 28.49 -18.33 -13.27
CA HIS B 268 28.69 -19.77 -13.23
C HIS B 268 27.88 -20.51 -14.30
N ALA B 269 26.65 -20.06 -14.53
CA ALA B 269 25.75 -20.72 -15.47
C ALA B 269 26.30 -20.72 -16.89
N LEU B 270 26.93 -19.62 -17.28
CA LEU B 270 27.49 -19.50 -18.63
C LEU B 270 29.01 -19.65 -18.62
N SER B 271 29.56 -19.99 -17.45
CA SER B 271 31.00 -20.12 -17.28
C SER B 271 31.56 -21.26 -18.12
N GLY B 272 30.76 -22.32 -18.26
CA GLY B 272 31.20 -23.50 -18.97
C GLY B 272 31.44 -24.63 -17.99
N HIS B 273 31.36 -24.32 -16.70
CA HIS B 273 31.55 -25.32 -15.65
C HIS B 273 30.22 -25.96 -15.30
N ALA B 274 29.16 -25.51 -15.95
CA ALA B 274 27.82 -26.03 -15.70
C ALA B 274 27.40 -26.99 -16.82
N LYS B 275 26.61 -27.99 -16.45
CA LYS B 275 26.09 -28.94 -17.42
C LYS B 275 24.77 -28.47 -18.02
N VAL B 276 24.65 -28.62 -19.34
CA VAL B 276 23.51 -28.12 -20.08
C VAL B 276 22.78 -29.21 -20.84
N LYS B 277 21.45 -29.19 -20.75
CA LYS B 277 20.60 -30.16 -21.43
C LYS B 277 19.44 -29.42 -22.07
N PRO B 278 18.91 -29.97 -23.18
CA PRO B 278 17.77 -29.31 -23.83
C PRO B 278 16.52 -29.39 -22.97
N PHE B 279 15.72 -28.33 -22.96
CA PHE B 279 14.49 -28.33 -22.17
C PHE B 279 13.51 -29.34 -22.77
N ASP B 280 13.15 -30.33 -21.97
CA ASP B 280 12.21 -31.36 -22.38
C ASP B 280 11.39 -31.75 -21.17
N PRO B 281 10.12 -31.30 -21.14
CA PRO B 281 9.25 -31.37 -19.96
C PRO B 281 9.15 -32.76 -19.34
N LYS B 282 9.10 -33.81 -20.17
CA LYS B 282 9.02 -35.17 -19.65
C LYS B 282 10.29 -35.55 -18.90
N ILE B 283 11.44 -35.06 -19.37
CA ILE B 283 12.71 -35.32 -18.71
C ILE B 283 13.02 -34.29 -17.63
N THR B 284 12.78 -33.02 -17.96
CA THR B 284 13.06 -31.90 -17.05
C THR B 284 12.32 -32.01 -15.71
N CYS B 285 11.09 -32.50 -15.75
CA CYS B 285 10.25 -32.55 -14.55
C CYS B 285 10.73 -33.60 -13.55
N LYS B 286 11.67 -34.45 -13.98
CA LYS B 286 12.20 -35.49 -13.11
C LYS B 286 13.52 -35.06 -12.47
N GLN B 287 13.92 -33.81 -12.73
CA GLN B 287 15.17 -33.29 -12.19
C GLN B 287 14.97 -32.69 -10.80
N GLU B 288 15.91 -32.98 -9.91
CA GLU B 288 15.85 -32.51 -8.53
C GLU B 288 16.14 -31.01 -8.44
N CYS B 289 15.32 -30.30 -7.67
CA CYS B 289 15.51 -28.87 -7.44
C CYS B 289 16.34 -28.63 -6.18
N LEU B 290 17.47 -27.96 -6.33
CA LEU B 290 18.38 -27.75 -5.22
C LEU B 290 18.17 -26.40 -4.55
N ILE B 291 18.31 -26.38 -3.23
CA ILE B 291 18.21 -25.15 -2.46
C ILE B 291 19.53 -24.88 -1.75
N THR B 292 19.83 -23.60 -1.52
CA THR B 292 21.01 -23.14 -0.78
C THR B 292 22.33 -23.42 -1.53
N THR B 293 22.22 -23.90 -2.76
CA THR B 293 23.40 -24.21 -3.58
C THR B 293 23.17 -23.85 -5.05
N PHE B 294 24.22 -23.95 -5.85
CA PHE B 294 24.08 -23.83 -7.29
C PHE B 294 23.39 -25.07 -7.84
N GLN B 295 22.69 -24.92 -8.97
CA GLN B 295 22.06 -26.07 -9.61
C GLN B 295 23.11 -26.97 -10.25
N ASP B 296 22.82 -28.26 -10.31
CA ASP B 296 23.76 -29.22 -10.87
C ASP B 296 23.65 -29.27 -12.39
N VAL B 297 22.51 -28.82 -12.91
CA VAL B 297 22.29 -28.81 -14.34
C VAL B 297 21.30 -27.70 -14.72
N TYR B 298 21.45 -27.15 -15.91
CA TYR B 298 20.52 -26.15 -16.42
C TYR B 298 19.90 -26.61 -17.73
N PHE B 299 18.64 -26.23 -17.96
CA PHE B 299 17.94 -26.64 -19.17
C PHE B 299 17.75 -25.47 -20.14
N VAL B 300 18.04 -25.72 -21.42
CA VAL B 300 17.96 -24.69 -22.44
C VAL B 300 16.74 -24.82 -23.33
N SER B 301 15.93 -23.77 -23.36
CA SER B 301 14.79 -23.69 -24.28
C SER B 301 15.18 -22.94 -25.54
N GLU B 302 14.54 -23.29 -26.66
CA GLU B 302 14.82 -22.62 -27.92
C GLU B 302 14.32 -21.18 -27.88
N SER B 303 13.17 -21.00 -27.24
CA SER B 303 12.55 -19.69 -27.07
C SER B 303 11.43 -19.80 -26.06
N PHE B 304 10.86 -18.66 -25.67
CA PHE B 304 9.76 -18.66 -24.70
C PHE B 304 8.51 -19.35 -25.27
N GLU B 305 8.20 -19.05 -26.52
CA GLU B 305 7.04 -19.67 -27.17
C GLU B 305 7.28 -21.16 -27.46
N ASP B 306 8.54 -21.52 -27.69
CA ASP B 306 8.89 -22.92 -27.87
C ASP B 306 8.74 -23.69 -26.56
N ALA B 307 9.21 -23.08 -25.47
CA ALA B 307 9.05 -23.64 -24.14
C ALA B 307 7.57 -23.76 -23.79
N LYS B 308 6.80 -22.76 -24.23
CA LYS B 308 5.36 -22.75 -24.03
C LYS B 308 4.68 -23.92 -24.74
N GLU B 309 5.05 -24.14 -26.00
CA GLU B 309 4.48 -25.22 -26.80
C GLU B 309 4.81 -26.60 -26.21
N LYS B 310 6.04 -26.77 -25.76
CA LYS B 310 6.48 -28.03 -25.16
C LYS B 310 5.69 -28.33 -23.88
N MET B 311 5.33 -27.27 -23.16
CA MET B 311 4.54 -27.42 -21.95
C MET B 311 3.13 -27.90 -22.27
N ARG B 312 2.57 -27.37 -23.34
CA ARG B 312 1.21 -27.70 -23.77
C ARG B 312 1.05 -29.19 -24.06
N GLU B 313 2.05 -29.77 -24.72
CA GLU B 313 2.07 -31.20 -24.99
C GLU B 313 2.18 -31.98 -23.68
N PHE B 314 3.00 -31.46 -22.77
CA PHE B 314 3.28 -32.14 -21.51
C PHE B 314 2.09 -32.16 -20.56
N THR B 315 1.31 -31.08 -20.56
CA THR B 315 0.19 -30.98 -19.63
C THR B 315 -0.96 -31.89 -20.04
N LYS B 316 -1.06 -32.15 -21.34
CA LYS B 316 -2.04 -33.11 -21.85
C LYS B 316 -1.67 -34.53 -21.45
N THR B 317 -0.37 -34.82 -21.46
CA THR B 317 0.14 -36.15 -21.11
C THR B 317 0.00 -36.45 -19.62
N ILE B 318 -0.11 -35.39 -18.82
CA ILE B 318 -0.23 -35.56 -17.37
C ILE B 318 -1.59 -35.15 -16.85
FE FE C . -11.31 17.59 9.40
C10 A1IT9 D . -12.32 20.37 5.11
N12 A1IT9 D . -12.54 21.31 4.17
C13 A1IT9 D . -13.18 22.41 4.47
C15 A1IT9 D . -13.02 23.02 2.21
C17 A1IT9 D . -11.05 24.65 2.63
C21 A1IT9 D . -9.43 23.43 0.71
C22 A1IT9 D . -10.72 22.95 0.95
C26 A1IT9 D . -12.64 20.28 -2.95
C28 A1IT9 D . -11.30 20.54 0.64
N01 A1IT9 D . -17.52 22.93 11.60
C02 A1IT9 D . -16.88 21.97 12.41
C03 A1IT9 D . -15.31 22.13 12.29
C04 A1IT9 D . -14.80 21.98 10.80
C05 A1IT9 D . -14.74 20.74 10.23
C06 A1IT9 D . -14.30 20.60 8.92
C07 A1IT9 D . -13.91 21.73 8.20
C08 A1IT9 D . -13.39 21.57 6.71
N09 A1IT9 D . -12.75 20.50 6.33
N11 A1IT9 D . -11.62 19.19 4.74
O14 A1IT9 D . -13.40 23.40 3.47
C16 A1IT9 D . -11.53 23.58 1.91
C18 A1IT9 D . -9.74 25.15 2.38
C19 A1IT9 D . -8.94 24.53 1.43
CL20 A1IT9 D . -7.32 25.13 1.12
N23 A1IT9 D . -11.23 21.77 0.18
N24 A1IT9 D . -11.67 21.84 -1.09
C25 A1IT9 D . -12.05 20.64 -1.50
C27 A1IT9 D . -11.85 19.74 -0.42
C29 A1IT9 D . -14.02 23.60 1.21
F30 A1IT9 D . -13.92 22.96 0.03
F31 A1IT9 D . -13.79 24.93 1.03
F32 A1IT9 D . -15.34 23.42 1.71
C33 A1IT9 D . -13.64 22.59 5.75
C34 A1IT9 D . -13.97 22.98 8.79
C35 A1IT9 D . -14.41 23.11 10.08
C36 A1IT9 D . -17.29 22.18 13.87
O37 A1IT9 D . -18.17 23.06 14.16
O38 A1IT9 D . -16.74 21.49 14.77
FE FE E . 11.83 -16.39 -7.87
C10 A1IT9 F . 11.90 -21.44 -5.96
N12 A1IT9 F . 12.09 -22.56 -5.23
C13 A1IT9 F . 13.14 -22.70 -4.48
C15 A1IT9 F . 12.45 -24.89 -3.98
C17 A1IT9 F . 11.30 -24.03 -1.82
C21 A1IT9 F . 8.91 -25.35 -2.37
C22 A1IT9 F . 9.99 -25.45 -3.25
C26 A1IT9 F . 9.94 -26.77 -8.19
C28 A1IT9 F . 9.50 -27.55 -4.47
N01 A1IT9 F . 19.66 -17.54 -5.32
C02 A1IT9 F . 19.07 -16.38 -5.85
C03 A1IT9 F . 17.73 -16.05 -5.07
C04 A1IT9 F . 16.70 -17.24 -5.12
C05 A1IT9 F . 16.00 -17.51 -6.27
C06 A1IT9 F . 15.09 -18.56 -6.32
C07 A1IT9 F . 14.88 -19.33 -5.17
C08 A1IT9 F . 13.84 -20.53 -5.21
N09 A1IT9 F . 12.76 -20.45 -5.95
N11 A1IT9 F . 10.75 -21.34 -6.77
O14 A1IT9 F . 13.34 -23.88 -3.71
C16 A1IT9 F . 11.19 -24.79 -2.97
C18 A1IT9 F . 10.20 -23.92 -0.93
C19 A1IT9 F . 9.02 -24.59 -1.21
CL20 A1IT9 F . 7.67 -24.46 -0.11
N23 A1IT9 F . 9.84 -26.28 -4.48
N24 A1IT9 F . 10.02 -25.86 -5.74
C25 A1IT9 F . 9.82 -26.86 -6.59
C27 A1IT9 F . 9.46 -28.01 -5.83
C29 A1IT9 F . 13.19 -26.21 -3.85
F30 A1IT9 F . 12.47 -27.20 -4.45
F31 A1IT9 F . 13.37 -26.52 -2.54
F32 A1IT9 F . 14.45 -26.11 -4.48
C33 A1IT9 F . 14.06 -21.68 -4.43
C34 A1IT9 F . 15.58 -19.06 -4.01
C35 A1IT9 F . 16.48 -18.03 -3.98
C36 A1IT9 F . 20.01 -15.19 -5.69
O37 A1IT9 F . 19.66 -14.04 -6.09
O38 A1IT9 F . 21.14 -15.37 -5.15
#